data_5C30
#
_entry.id   5C30
#
_cell.length_a   94.440
_cell.length_b   94.440
_cell.length_c   67.220
_cell.angle_alpha   90.00
_cell.angle_beta   90.00
_cell.angle_gamma   120.00
#
_symmetry.space_group_name_H-M   'P 31 2 1'
#
loop_
_entity.id
_entity.type
_entity.pdbx_description
1 polymer 'Ryanodine receptor 1'
2 non-polymer 'ISOPROPYL ALCOHOL'
3 water water
#
_entity_poly.entity_id   1
_entity_poly.type   'polypeptide(L)'
_entity_poly.pdbx_seq_one_letter_code
;SNADTVQIVLPPHLERIREKLAENIHELWALTRIEQGWTYGPVRDDNKRLHPALVNFHSLPEPERNYNLQMSGETLKTLL
ALGAHVGMADEKAEDNLKKTKLPKTYMMSNGYKPAPLDLSHVRLTPAQTTLVDRLAENGHNVWARDRVAQGWSYSAVQDI
PARRNPRLVPYRLLDEATKRSNRDSLAQAVRTLLGYGYNIE
;
_entity_poly.pdbx_strand_id   A
#
loop_
_chem_comp.id
_chem_comp.type
_chem_comp.name
_chem_comp.formula
IPA non-polymer 'ISOPROPYL ALCOHOL' 'C3 H8 O'
#
# COMPACT_ATOMS: atom_id res chain seq x y z
N ILE A 8 -6.19 14.45 -13.71
CA ILE A 8 -5.05 15.30 -13.38
C ILE A 8 -3.85 14.45 -13.02
N VAL A 9 -2.78 14.55 -13.81
CA VAL A 9 -1.59 13.72 -13.61
C VAL A 9 -0.86 14.03 -12.31
N LEU A 10 -0.07 13.07 -11.85
CA LEU A 10 0.71 13.26 -10.64
C LEU A 10 1.80 14.30 -10.86
N PRO A 11 1.95 15.26 -9.94
CA PRO A 11 3.02 16.24 -10.12
C PRO A 11 4.40 15.57 -10.15
N PRO A 12 5.34 16.09 -10.96
CA PRO A 12 6.69 15.52 -11.04
C PRO A 12 7.41 15.39 -9.70
N HIS A 13 7.23 16.34 -8.79
CA HIS A 13 7.94 16.29 -7.51
C HIS A 13 7.43 15.19 -6.57
N LEU A 14 6.35 14.50 -6.96
CA LEU A 14 5.85 13.38 -6.15
C LEU A 14 6.16 12.01 -6.76
N GLU A 15 6.92 11.97 -7.85
CA GLU A 15 7.23 10.70 -8.49
CA GLU A 15 7.24 10.69 -8.49
C GLU A 15 8.15 9.80 -7.66
N ARG A 16 9.12 10.39 -6.97
N ARG A 16 9.13 10.38 -6.97
CA ARG A 16 10.02 9.58 -6.12
CA ARG A 16 10.02 9.56 -6.12
C ARG A 16 9.27 8.97 -4.96
C ARG A 16 9.23 8.95 -4.99
N ILE A 17 8.39 9.75 -4.35
CA ILE A 17 7.69 9.24 -3.20
C ILE A 17 6.66 8.19 -3.68
N ARG A 18 6.15 8.30 -4.91
N ARG A 18 6.15 8.31 -4.92
CA ARG A 18 5.24 7.26 -5.44
CA ARG A 18 5.24 7.28 -5.46
C ARG A 18 5.94 5.90 -5.38
C ARG A 18 5.92 5.89 -5.41
N GLU A 19 7.19 5.84 -5.82
CA GLU A 19 7.98 4.61 -5.80
C GLU A 19 8.23 4.09 -4.38
N LYS A 20 8.68 4.97 -3.49
CA LYS A 20 8.95 4.56 -2.11
C LYS A 20 7.68 4.12 -1.39
N LEU A 21 6.55 4.80 -1.66
CA LEU A 21 5.28 4.41 -1.10
C LEU A 21 4.88 3.00 -1.57
N ALA A 22 5.00 2.75 -2.86
CA ALA A 22 4.65 1.42 -3.37
C ALA A 22 5.52 0.35 -2.72
N GLU A 23 6.79 0.64 -2.54
CA GLU A 23 7.72 -0.34 -1.92
C GLU A 23 7.25 -0.65 -0.50
N ASN A 24 6.93 0.37 0.30
CA ASN A 24 6.54 0.06 1.66
C ASN A 24 5.19 -0.62 1.76
N ILE A 25 4.26 -0.24 0.88
CA ILE A 25 2.98 -0.92 0.84
C ILE A 25 3.14 -2.43 0.55
N HIS A 26 4.08 -2.75 -0.33
CA HIS A 26 4.39 -4.16 -0.62
C HIS A 26 4.95 -4.89 0.59
N GLU A 27 5.89 -4.25 1.29
CA GLU A 27 6.45 -4.86 2.48
C GLU A 27 5.39 -5.12 3.53
N LEU A 28 4.46 -4.16 3.71
CA LEU A 28 3.40 -4.34 4.67
C LEU A 28 2.44 -5.45 4.26
N TRP A 29 2.14 -5.51 2.96
CA TRP A 29 1.25 -6.56 2.43
C TRP A 29 1.86 -7.92 2.65
N ALA A 30 3.15 -8.03 2.32
CA ALA A 30 3.82 -9.31 2.46
C ALA A 30 3.86 -9.77 3.93
N LEU A 31 4.15 -8.83 4.84
CA LEU A 31 4.10 -9.15 6.26
C LEU A 31 2.72 -9.68 6.68
N THR A 32 1.68 -8.98 6.26
N THR A 32 1.64 -9.08 6.22
CA THR A 32 0.32 -9.37 6.60
CA THR A 32 0.32 -9.59 6.62
C THR A 32 0.05 -10.80 6.13
C THR A 32 0.10 -11.03 6.12
N ARG A 33 0.49 -11.14 4.93
N ARG A 33 0.44 -11.27 4.86
CA ARG A 33 0.27 -12.49 4.41
CA ARG A 33 0.32 -12.60 4.28
C ARG A 33 1.10 -13.54 5.18
C ARG A 33 1.13 -13.61 5.09
N ILE A 34 2.37 -13.25 5.41
CA ILE A 34 3.27 -14.18 6.08
C ILE A 34 2.78 -14.46 7.51
N GLU A 35 2.26 -13.44 8.19
CA GLU A 35 1.62 -13.68 9.49
C GLU A 35 0.49 -14.69 9.43
N GLN A 36 -0.24 -14.67 8.31
CA GLN A 36 -1.34 -15.61 8.12
C GLN A 36 -0.96 -16.92 7.45
N GLY A 37 0.33 -17.29 7.50
CA GLY A 37 0.76 -18.61 7.09
C GLY A 37 1.11 -18.71 5.61
N TRP A 38 1.10 -17.60 4.88
CA TRP A 38 1.48 -17.65 3.46
C TRP A 38 2.99 -17.78 3.32
N THR A 39 3.38 -18.52 2.31
CA THR A 39 4.79 -18.72 1.97
C THR A 39 4.95 -18.61 0.46
N TYR A 40 6.21 -18.54 0.01
CA TYR A 40 6.46 -18.38 -1.42
C TYR A 40 6.22 -19.63 -2.24
N GLY A 41 5.57 -19.44 -3.39
CA GLY A 41 5.65 -20.44 -4.42
C GLY A 41 5.40 -19.80 -5.77
N PRO A 42 5.89 -20.42 -6.86
CA PRO A 42 5.81 -19.73 -8.16
C PRO A 42 4.42 -19.68 -8.74
N VAL A 43 3.53 -20.57 -8.28
CA VAL A 43 2.14 -20.55 -8.71
C VAL A 43 1.27 -20.44 -7.46
N ARG A 44 0.35 -19.48 -7.49
CA ARG A 44 -0.55 -19.29 -6.38
C ARG A 44 -1.35 -20.54 -6.04
N ASP A 45 -1.46 -20.84 -4.74
CA ASP A 45 -2.27 -21.97 -4.27
C ASP A 45 -2.90 -21.51 -2.97
N ASP A 46 -4.22 -21.28 -2.97
N ASP A 46 -4.21 -21.26 -3.01
CA ASP A 46 -4.85 -20.70 -1.79
CA ASP A 46 -4.92 -20.73 -1.85
C ASP A 46 -5.09 -21.73 -0.68
C ASP A 46 -5.01 -21.72 -0.69
N ASN A 47 -5.09 -23.02 -1.00
CA ASN A 47 -5.20 -24.05 0.04
C ASN A 47 -3.88 -24.22 0.81
N LYS A 48 -2.78 -24.34 0.08
CA LYS A 48 -1.44 -24.41 0.69
C LYS A 48 -0.88 -23.02 1.07
N ARG A 49 -1.59 -21.95 0.72
CA ARG A 49 -1.22 -20.57 0.97
C ARG A 49 0.17 -20.26 0.41
N LEU A 50 0.32 -20.55 -0.87
CA LEU A 50 1.52 -20.23 -1.62
C LEU A 50 1.23 -19.01 -2.51
N HIS A 51 2.15 -18.04 -2.55
CA HIS A 51 1.93 -16.84 -3.35
C HIS A 51 3.23 -16.40 -3.99
N PRO A 52 3.20 -16.10 -5.30
CA PRO A 52 4.43 -15.71 -5.98
C PRO A 52 4.86 -14.29 -5.70
N ALA A 53 4.05 -13.47 -5.08
CA ALA A 53 4.43 -12.08 -4.83
C ALA A 53 5.24 -11.93 -3.56
N LEU A 54 5.53 -13.03 -2.86
CA LEU A 54 6.34 -12.95 -1.65
C LEU A 54 7.83 -12.99 -2.03
N VAL A 55 8.24 -11.89 -2.65
CA VAL A 55 9.54 -11.65 -3.24
C VAL A 55 9.87 -10.18 -2.98
N ASN A 56 11.14 -9.80 -3.18
CA ASN A 56 11.50 -8.38 -3.15
C ASN A 56 10.68 -7.60 -4.17
N PHE A 57 10.30 -6.38 -3.84
CA PHE A 57 9.50 -5.56 -4.75
C PHE A 57 10.11 -5.50 -6.15
N HIS A 58 11.41 -5.29 -6.23
CA HIS A 58 11.95 -5.13 -7.58
CA HIS A 58 12.15 -5.15 -7.48
C HIS A 58 12.19 -6.45 -8.27
N SER A 59 11.86 -7.56 -7.60
CA SER A 59 11.81 -8.88 -8.24
C SER A 59 10.41 -9.30 -8.72
N LEU A 60 9.39 -8.50 -8.43
CA LEU A 60 8.10 -8.73 -9.03
C LEU A 60 8.15 -8.62 -10.53
N PRO A 61 7.29 -9.36 -11.24
CA PRO A 61 7.08 -9.13 -12.69
C PRO A 61 6.75 -7.68 -12.98
N GLU A 62 7.21 -7.17 -14.12
CA GLU A 62 7.05 -5.75 -14.43
C GLU A 62 5.59 -5.31 -14.37
N PRO A 63 4.65 -6.12 -14.89
CA PRO A 63 3.25 -5.68 -14.84
C PRO A 63 2.71 -5.54 -13.42
N GLU A 64 3.20 -6.35 -12.48
CA GLU A 64 2.75 -6.29 -11.10
C GLU A 64 3.38 -5.09 -10.42
N ARG A 65 4.66 -4.85 -10.69
CA ARG A 65 5.32 -3.64 -10.18
C ARG A 65 4.57 -2.39 -10.70
N ASN A 66 4.23 -2.41 -11.97
CA ASN A 66 3.57 -1.25 -12.57
CA ASN A 66 3.54 -1.27 -12.59
C ASN A 66 2.18 -1.04 -11.96
N TYR A 67 1.43 -2.11 -11.74
CA TYR A 67 0.14 -1.99 -11.06
C TYR A 67 0.31 -1.37 -9.65
N ASN A 68 1.31 -1.82 -8.91
CA ASN A 68 1.55 -1.30 -7.57
C ASN A 68 1.91 0.18 -7.60
N LEU A 69 2.69 0.57 -8.59
CA LEU A 69 3.09 1.98 -8.75
C LEU A 69 1.87 2.78 -9.14
N GLN A 70 1.02 2.24 -10.00
CA GLN A 70 -0.21 2.95 -10.38
C GLN A 70 -1.09 3.18 -9.16
N MET A 71 -1.23 2.17 -8.30
CA MET A 71 -2.09 2.28 -7.12
C MET A 71 -1.55 3.31 -6.11
N SER A 72 -0.22 3.28 -5.88
N SER A 72 -0.24 3.32 -5.86
CA SER A 72 0.43 4.28 -5.04
CA SER A 72 0.31 4.32 -4.95
C SER A 72 0.20 5.69 -5.59
C SER A 72 0.19 5.73 -5.58
N GLY A 73 0.34 5.84 -6.90
CA GLY A 73 0.13 7.11 -7.55
C GLY A 73 -1.32 7.55 -7.41
N GLU A 74 -2.26 6.61 -7.44
CA GLU A 74 -3.65 7.02 -7.33
C GLU A 74 -4.01 7.35 -5.87
N THR A 75 -3.31 6.81 -4.87
CA THR A 75 -3.49 7.31 -3.49
C THR A 75 -3.07 8.77 -3.43
N LEU A 76 -1.92 9.06 -4.01
CA LEU A 76 -1.40 10.42 -4.02
C LEU A 76 -2.33 11.34 -4.81
N LYS A 77 -2.79 10.93 -6.00
CA LYS A 77 -3.66 11.78 -6.79
C LYS A 77 -5.00 12.00 -6.09
N THR A 78 -5.48 11.00 -5.36
CA THR A 78 -6.77 11.18 -4.66
C THR A 78 -6.58 12.14 -3.46
N LEU A 79 -5.45 12.06 -2.76
CA LEU A 79 -5.15 13.08 -1.74
C LEU A 79 -5.18 14.47 -2.34
N LEU A 80 -4.56 14.66 -3.50
CA LEU A 80 -4.56 15.97 -4.13
C LEU A 80 -5.96 16.40 -4.59
N ALA A 81 -6.79 15.44 -5.05
CA ALA A 81 -8.13 15.76 -5.50
C ALA A 81 -8.99 16.18 -4.32
N LEU A 82 -8.69 15.62 -3.15
CA LEU A 82 -9.36 16.01 -1.90
C LEU A 82 -8.85 17.32 -1.37
N GLY A 83 -7.92 17.97 -2.10
CA GLY A 83 -7.46 19.29 -1.73
C GLY A 83 -6.26 19.34 -0.79
N ALA A 84 -5.67 18.17 -0.47
CA ALA A 84 -4.50 18.16 0.40
C ALA A 84 -3.31 18.86 -0.25
N HIS A 85 -2.53 19.54 0.58
CA HIS A 85 -1.24 20.12 0.22
C HIS A 85 -0.21 19.08 0.65
N VAL A 86 0.58 18.56 -0.29
CA VAL A 86 1.57 17.50 0.01
C VAL A 86 2.92 17.98 -0.46
N GLY A 87 3.86 18.12 0.48
CA GLY A 87 5.15 18.70 0.14
C GLY A 87 6.23 18.34 1.14
N MET A 88 7.49 18.33 0.70
CA MET A 88 8.58 17.99 1.60
C MET A 88 8.72 19.04 2.69
N ALA A 89 8.81 18.57 3.94
CA ALA A 89 8.99 19.45 5.09
C ALA A 89 10.26 19.15 5.92
N ASP A 90 10.64 17.89 6.02
CA ASP A 90 11.79 17.49 6.83
C ASP A 90 12.71 16.65 5.97
N GLU A 91 13.73 17.30 5.39
CA GLU A 91 14.64 16.59 4.49
C GLU A 91 15.51 15.56 5.21
N LYS A 92 15.56 15.62 6.55
CA LYS A 92 16.36 14.66 7.32
C LYS A 92 15.60 13.39 7.66
N ALA A 93 14.28 13.40 7.47
CA ALA A 93 13.49 12.29 7.98
C ALA A 93 13.82 10.97 7.30
N GLU A 94 14.02 10.99 5.98
CA GLU A 94 14.24 9.74 5.26
C GLU A 94 15.50 9.00 5.76
N ASP A 95 16.63 9.67 5.95
N ASP A 95 16.61 9.72 5.91
CA ASP A 95 17.82 8.93 6.35
CA ASP A 95 17.88 9.15 6.38
C ASP A 95 17.81 8.59 7.83
C ASP A 95 17.69 8.48 7.74
N ASN A 96 16.80 9.06 8.56
CA ASN A 96 16.60 8.59 9.93
C ASN A 96 15.60 7.45 10.05
N LEU A 97 14.94 7.09 8.98
CA LEU A 97 14.02 5.94 9.00
C LEU A 97 14.77 4.63 9.24
N LYS A 98 14.13 3.75 9.99
CA LYS A 98 14.62 2.39 10.20
C LYS A 98 13.56 1.42 9.77
N LYS A 99 14.00 0.22 9.41
CA LYS A 99 13.06 -0.82 9.05
C LYS A 99 12.81 -1.75 10.24
N THR A 100 11.61 -2.29 10.29
CA THR A 100 11.29 -3.34 11.27
C THR A 100 12.10 -4.60 10.98
N LYS A 101 12.76 -5.12 12.03
CA LYS A 101 13.59 -6.31 11.90
C LYS A 101 12.86 -7.54 12.43
N LEU A 102 12.35 -8.33 11.50
CA LEU A 102 11.57 -9.51 11.85
C LEU A 102 12.46 -10.71 12.08
N PRO A 103 12.02 -11.68 12.92
CA PRO A 103 12.83 -12.89 13.06
C PRO A 103 12.82 -13.79 11.83
N LYS A 104 13.72 -14.77 11.82
CA LYS A 104 13.97 -15.59 10.64
C LYS A 104 12.75 -16.43 10.28
N THR A 105 11.82 -16.53 11.21
CA THR A 105 10.56 -17.23 10.96
C THR A 105 9.66 -16.51 9.97
N TYR A 106 10.06 -15.29 9.56
CA TYR A 106 9.36 -14.53 8.55
C TYR A 106 10.06 -14.59 7.18
N MET A 107 11.15 -15.34 7.07
N MET A 107 11.09 -15.41 7.10
CA MET A 107 11.89 -15.44 5.80
CA MET A 107 11.89 -15.59 5.89
C MET A 107 11.36 -16.56 4.93
C MET A 107 11.27 -16.60 4.94
N MET A 108 11.17 -16.23 3.65
CA MET A 108 10.69 -17.16 2.63
C MET A 108 11.83 -17.99 2.09
N SER A 109 11.49 -19.04 1.35
CA SER A 109 12.49 -19.98 0.85
C SER A 109 13.41 -19.38 -0.20
N ASN A 110 13.00 -18.25 -0.75
CA ASN A 110 13.79 -17.52 -1.75
C ASN A 110 14.66 -16.44 -1.12
N GLY A 111 14.71 -16.42 0.21
CA GLY A 111 15.51 -15.44 0.93
C GLY A 111 14.85 -14.11 1.23
N TYR A 112 13.65 -13.90 0.73
CA TYR A 112 12.91 -12.67 0.97
C TYR A 112 12.34 -12.66 2.37
N LYS A 113 12.61 -11.59 3.11
CA LYS A 113 11.97 -11.32 4.39
C LYS A 113 11.47 -9.89 4.36
N PRO A 114 10.19 -9.68 4.64
CA PRO A 114 9.72 -8.30 4.59
C PRO A 114 10.37 -7.43 5.63
N ALA A 115 10.48 -6.14 5.30
CA ALA A 115 11.12 -5.17 6.19
C ALA A 115 10.39 -3.83 6.04
N PRO A 116 9.14 -3.78 6.48
CA PRO A 116 8.45 -2.51 6.39
C PRO A 116 9.07 -1.47 7.28
N LEU A 117 8.85 -0.20 6.92
CA LEU A 117 9.35 0.87 7.76
C LEU A 117 8.77 0.82 9.17
N ASP A 118 9.62 1.14 10.14
CA ASP A 118 9.15 1.37 11.51
C ASP A 118 8.60 2.79 11.57
N LEU A 119 7.26 2.88 11.54
CA LEU A 119 6.59 4.18 11.60
C LEU A 119 5.98 4.42 12.98
N SER A 120 6.52 3.76 14.00
CA SER A 120 5.91 3.88 15.33
C SER A 120 5.92 5.30 15.90
N HIS A 121 6.83 6.14 15.44
CA HIS A 121 6.93 7.51 15.88
C HIS A 121 5.95 8.46 15.18
N VAL A 122 5.34 8.02 14.10
CA VAL A 122 4.46 8.88 13.31
C VAL A 122 3.09 8.98 13.98
N ARG A 123 2.59 10.21 14.08
CA ARG A 123 1.26 10.45 14.62
C ARG A 123 0.45 11.34 13.66
N LEU A 124 -0.63 10.80 13.08
CA LEU A 124 -1.52 11.62 12.22
C LEU A 124 -2.08 12.79 13.03
N THR A 125 -2.09 13.98 12.42
CA THR A 125 -2.79 15.15 12.96
C THR A 125 -4.30 14.94 12.75
N PRO A 126 -5.13 15.76 13.39
CA PRO A 126 -6.57 15.62 13.11
C PRO A 126 -6.94 15.80 11.63
N ALA A 127 -6.34 16.78 10.96
CA ALA A 127 -6.62 16.98 9.53
C ALA A 127 -6.18 15.78 8.71
N GLN A 128 -5.08 15.13 9.11
CA GLN A 128 -4.61 13.95 8.40
C GLN A 128 -5.49 12.71 8.63
N THR A 129 -5.96 12.54 9.85
CA THR A 129 -6.92 11.49 10.15
C THR A 129 -8.16 11.67 9.27
N THR A 130 -8.59 12.93 9.16
CA THR A 130 -9.76 13.23 8.34
C THR A 130 -9.50 12.93 6.89
N LEU A 131 -8.30 13.24 6.40
CA LEU A 131 -7.97 12.87 5.03
C LEU A 131 -7.94 11.37 4.83
N VAL A 132 -7.45 10.60 5.81
CA VAL A 132 -7.50 9.13 5.66
C VAL A 132 -8.95 8.63 5.55
N ASP A 133 -9.81 9.21 6.38
CA ASP A 133 -11.25 8.84 6.38
C ASP A 133 -11.88 9.22 5.03
N ARG A 134 -11.55 10.39 4.51
CA ARG A 134 -12.10 10.82 3.23
C ARG A 134 -11.56 10.04 2.04
N LEU A 135 -10.30 9.59 2.13
CA LEU A 135 -9.75 8.62 1.17
C LEU A 135 -10.58 7.35 1.19
N ALA A 136 -10.82 6.82 2.38
CA ALA A 136 -11.55 5.56 2.50
C ALA A 136 -12.96 5.68 1.93
N GLU A 137 -13.61 6.81 2.16
CA GLU A 137 -14.98 7.01 1.72
C GLU A 137 -15.10 7.47 0.26
N ASN A 138 -13.99 7.76 -0.38
CA ASN A 138 -14.03 8.24 -1.74
C ASN A 138 -14.60 7.16 -2.66
N GLY A 139 -15.38 7.62 -3.64
CA GLY A 139 -16.10 6.70 -4.51
C GLY A 139 -15.25 5.78 -5.36
N HIS A 140 -13.95 6.06 -5.49
CA HIS A 140 -13.05 5.22 -6.30
C HIS A 140 -12.29 4.19 -5.47
N ASN A 141 -12.46 4.22 -4.16
CA ASN A 141 -11.74 3.29 -3.30
C ASN A 141 -12.36 1.89 -3.39
N VAL A 142 -11.51 0.89 -3.58
CA VAL A 142 -11.95 -0.52 -3.64
C VAL A 142 -11.07 -1.41 -2.79
N TRP A 143 -11.61 -2.59 -2.50
CA TRP A 143 -10.82 -3.71 -2.02
C TRP A 143 -10.68 -4.67 -3.17
N ALA A 144 -9.44 -4.84 -3.63
CA ALA A 144 -9.15 -5.78 -4.69
C ALA A 144 -9.07 -7.13 -4.01
N ARG A 145 -10.16 -7.88 -4.01
CA ARG A 145 -10.27 -9.03 -3.13
C ARG A 145 -9.27 -10.13 -3.52
N ASP A 146 -8.93 -10.25 -4.79
CA ASP A 146 -8.00 -11.30 -5.20
C ASP A 146 -6.56 -10.93 -4.89
N ARG A 147 -6.27 -9.65 -4.78
CA ARG A 147 -4.95 -9.17 -4.35
C ARG A 147 -4.86 -9.01 -2.86
N VAL A 148 -5.99 -9.12 -2.16
CA VAL A 148 -6.12 -8.91 -0.73
C VAL A 148 -5.48 -7.55 -0.41
N ALA A 149 -5.97 -6.50 -1.06
CA ALA A 149 -5.33 -5.21 -0.91
C ALA A 149 -6.29 -4.08 -1.24
N GLN A 150 -6.07 -2.95 -0.58
CA GLN A 150 -6.73 -1.72 -0.97
C GLN A 150 -6.23 -1.27 -2.33
N GLY A 151 -7.13 -0.66 -3.12
CA GLY A 151 -6.77 -0.09 -4.39
C GLY A 151 -7.76 0.94 -4.86
N TRP A 152 -7.56 1.39 -6.08
CA TRP A 152 -8.36 2.44 -6.69
C TRP A 152 -8.89 1.98 -8.02
N SER A 153 -10.10 2.39 -8.35
CA SER A 153 -10.63 2.13 -9.66
C SER A 153 -10.96 3.46 -10.34
N TYR A 154 -10.08 3.87 -11.25
CA TYR A 154 -10.25 5.06 -12.10
C TYR A 154 -10.24 4.61 -13.55
N SER A 155 -11.18 5.09 -14.36
CA SER A 155 -11.24 4.66 -15.76
C SER A 155 -10.21 5.40 -16.60
N PRO A 161 -24.27 -7.57 -20.47
CA PRO A 161 -22.82 -7.49 -20.62
C PRO A 161 -22.13 -7.16 -19.31
N ALA A 162 -20.81 -6.98 -19.36
CA ALA A 162 -20.06 -6.56 -18.19
C ALA A 162 -18.79 -5.75 -18.47
N ARG A 163 -18.83 -4.48 -18.15
CA ARG A 163 -17.65 -3.65 -18.19
C ARG A 163 -16.91 -3.76 -16.86
N ARG A 164 -17.63 -3.55 -15.76
N ARG A 164 -17.63 -3.52 -15.76
CA ARG A 164 -17.05 -3.41 -14.43
CA ARG A 164 -17.02 -3.45 -14.43
C ARG A 164 -16.48 -4.74 -13.90
C ARG A 164 -16.40 -4.77 -13.99
N ASN A 165 -15.34 -4.65 -13.20
CA ASN A 165 -14.71 -5.79 -12.57
C ASN A 165 -15.26 -6.00 -11.18
N PRO A 166 -16.13 -7.01 -10.99
CA PRO A 166 -16.71 -7.23 -9.67
C PRO A 166 -15.75 -7.57 -8.57
N ARG A 167 -14.51 -7.97 -8.89
CA ARG A 167 -13.55 -8.32 -7.90
C ARG A 167 -12.84 -7.11 -7.30
N LEU A 168 -13.15 -5.92 -7.83
CA LEU A 168 -12.74 -4.66 -7.23
C LEU A 168 -13.96 -4.13 -6.49
N VAL A 169 -14.04 -4.49 -5.21
CA VAL A 169 -15.28 -4.28 -4.48
C VAL A 169 -15.26 -2.87 -3.88
N PRO A 170 -16.29 -2.06 -4.21
CA PRO A 170 -16.37 -0.73 -3.61
C PRO A 170 -16.38 -0.79 -2.08
N TYR A 171 -15.71 0.16 -1.46
CA TYR A 171 -15.64 0.22 -0.02
C TYR A 171 -17.02 0.15 0.63
N ARG A 172 -18.01 0.81 0.04
N ARG A 172 -18.01 0.82 0.06
CA ARG A 172 -19.36 0.89 0.62
CA ARG A 172 -19.31 0.87 0.72
C ARG A 172 -20.10 -0.46 0.66
C ARG A 172 -19.93 -0.52 0.86
N LEU A 173 -19.54 -1.46 -0.01
CA LEU A 173 -20.14 -2.80 0.01
C LEU A 173 -19.41 -3.79 0.92
N LEU A 174 -18.28 -3.39 1.47
CA LEU A 174 -17.48 -4.26 2.31
C LEU A 174 -18.11 -4.51 3.67
N ASP A 175 -17.81 -5.69 4.22
N ASP A 175 -17.84 -5.69 4.24
CA ASP A 175 -18.11 -5.97 5.61
CA ASP A 175 -18.25 -5.92 5.63
C ASP A 175 -17.33 -4.97 6.49
C ASP A 175 -17.28 -5.10 6.51
N GLU A 176 -17.62 -4.92 7.78
CA GLU A 176 -16.90 -4.02 8.65
C GLU A 176 -15.43 -4.38 8.80
N ALA A 177 -15.12 -5.66 8.90
CA ALA A 177 -13.73 -6.09 9.04
C ALA A 177 -12.90 -5.68 7.82
N THR A 178 -13.48 -5.81 6.63
CA THR A 178 -12.73 -5.52 5.43
C THR A 178 -12.68 -4.02 5.23
N LYS A 179 -13.72 -3.29 5.62
CA LYS A 179 -13.62 -1.83 5.61
C LYS A 179 -12.46 -1.42 6.51
N ARG A 180 -12.32 -2.07 7.66
CA ARG A 180 -11.25 -1.69 8.59
C ARG A 180 -9.87 -2.00 7.98
N SER A 181 -9.70 -3.14 7.33
CA SER A 181 -8.46 -3.46 6.63
C SER A 181 -8.13 -2.43 5.54
N ASN A 182 -9.16 -2.06 4.80
CA ASN A 182 -8.98 -1.10 3.71
C ASN A 182 -8.56 0.26 4.28
N ARG A 183 -9.27 0.77 5.29
CA ARG A 183 -8.95 2.06 5.87
C ARG A 183 -7.55 2.02 6.50
N ASP A 184 -7.20 0.91 7.15
CA ASP A 184 -5.90 0.88 7.80
C ASP A 184 -4.78 0.90 6.78
N SER A 185 -4.99 0.31 5.61
CA SER A 185 -4.00 0.34 4.57
C SER A 185 -3.74 1.79 4.12
N LEU A 186 -4.82 2.56 3.97
CA LEU A 186 -4.69 3.94 3.60
C LEU A 186 -4.03 4.77 4.72
N ALA A 187 -4.31 4.43 5.98
CA ALA A 187 -3.64 5.09 7.10
C ALA A 187 -2.14 4.82 7.00
N GLN A 188 -1.74 3.57 6.73
CA GLN A 188 -0.33 3.31 6.64
C GLN A 188 0.30 3.99 5.44
N ALA A 189 -0.43 4.12 4.33
CA ALA A 189 0.09 4.88 3.20
C ALA A 189 0.38 6.33 3.59
N VAL A 190 -0.59 6.98 4.23
CA VAL A 190 -0.37 8.36 4.67
C VAL A 190 0.76 8.44 5.71
N ARG A 191 0.83 7.50 6.64
CA ARG A 191 1.92 7.52 7.63
C ARG A 191 3.28 7.29 6.96
N THR A 192 3.32 6.50 5.89
CA THR A 192 4.56 6.34 5.11
C THR A 192 5.03 7.68 4.52
N LEU A 193 4.07 8.45 3.96
CA LEU A 193 4.42 9.75 3.38
C LEU A 193 5.01 10.65 4.46
N LEU A 194 4.34 10.66 5.62
CA LEU A 194 4.84 11.46 6.74
C LEU A 194 6.21 10.99 7.22
N GLY A 195 6.39 9.68 7.25
CA GLY A 195 7.68 9.11 7.66
C GLY A 195 8.84 9.56 6.76
N TYR A 196 8.54 9.74 5.48
CA TYR A 196 9.57 10.22 4.55
C TYR A 196 9.80 11.74 4.59
N GLY A 197 9.07 12.43 5.46
CA GLY A 197 9.30 13.85 5.69
C GLY A 197 8.30 14.78 5.03
N TYR A 198 7.26 14.23 4.38
CA TYR A 198 6.25 15.08 3.76
C TYR A 198 5.28 15.62 4.82
N ASN A 199 4.92 16.87 4.67
CA ASN A 199 3.79 17.43 5.41
C ASN A 199 2.54 17.26 4.55
N ILE A 200 1.42 17.04 5.20
CA ILE A 200 0.13 16.88 4.53
C ILE A 200 -0.86 17.76 5.31
N GLU A 201 -1.43 18.78 4.65
CA GLU A 201 -2.33 19.73 5.31
C GLU A 201 -3.56 20.00 4.46
C1 IPA B . -3.09 7.95 14.35
C1 IPA B . -1.38 5.96 15.02
C2 IPA B . -1.91 7.05 14.02
C2 IPA B . -1.92 6.91 13.95
C3 IPA B . -1.33 6.37 15.26
C3 IPA B . -3.07 7.77 14.42
O2 IPA B . -2.38 6.10 13.11
O2 IPA B . -0.86 7.73 13.52
H11 IPA B . -3.97 7.63 13.79
H11 IPA B . -0.32 6.16 15.19
H12 IPA B . -2.85 8.98 14.07
H12 IPA B . -1.52 4.93 14.70
H13 IPA B . -3.30 7.91 15.41
H13 IPA B . -1.93 6.12 15.96
H2 IPA B . -1.15 7.64 13.54
H2 IPA B . -2.25 6.31 13.10
H31 IPA B . -1.41 5.28 15.15
H31 IPA B . -2.81 8.82 14.31
H32 IPA B . -1.87 6.68 16.14
H32 IPA B . -3.28 7.55 15.46
H33 IPA B . -0.29 6.65 15.37
H33 IPA B . -3.95 7.55 13.82
HO2 IPA B . -1.65 5.49 12.87
HO2 IPA B . -0.65 8.38 14.21
#